data_4JO5
#
_entry.id   4JO5
#
_cell.length_a   109.005
_cell.length_b   109.005
_cell.length_c   109.005
_cell.angle_alpha   90.00
_cell.angle_beta   90.00
_cell.angle_gamma   90.00
#
_symmetry.space_group_name_H-M   'P 41 3 2'
#
loop_
_entity.id
_entity.type
_entity.pdbx_description
1 polymer 'Cellulosome anchoring protein cohesin region'
2 non-polymer 'CALCIUM ION'
3 non-polymer GLYCEROL
4 non-polymer 'SULFATE ION'
5 non-polymer 'CHLORIDE ION'
6 non-polymer 1-METHYLIMIDAZOLE
7 water water
#
_entity_poly.entity_id   1
_entity_poly.type   'polypeptide(L)'
_entity_poly.pdbx_seq_one_letter_code
;VPTNTPTNTPANTPVSGNLKVEFYNSNPSDTTNSINPQFKVTNTGSSAIDLSKLTLRYYYTVDGQKDQTFWCDHAAIIGS
NGSYNGITSNVKGTFVKMSSSTNNADTYLEISFTGGTLEPGAHVQIQGRFAKNDWSNYTQSNDYSFKSASQFVEWDQVTA
YLNGVLVWGKEPGGSVVPSTQPVTTPPATT
;
_entity_poly.pdbx_strand_id   A
#
loop_
_chem_comp.id
_chem_comp.type
_chem_comp.name
_chem_comp.formula
1MZ non-polymer 1-METHYLIMIDAZOLE 'C4 H7 N2 1'
CA non-polymer 'CALCIUM ION' 'Ca 2'
CL non-polymer 'CHLORIDE ION' 'Cl -1'
GOL non-polymer GLYCEROL 'C3 H8 O3'
SO4 non-polymer 'SULFATE ION' 'O4 S -2'
#
# COMPACT_ATOMS: atom_id res chain seq x y z
N ASN A 12 16.22 -7.59 4.86
CA ASN A 12 17.31 -6.78 4.34
C ASN A 12 17.04 -5.28 4.50
N THR A 13 15.76 -4.90 4.49
CA THR A 13 15.37 -3.49 4.44
C THR A 13 15.09 -2.90 5.82
N PRO A 14 15.66 -1.72 6.14
CA PRO A 14 15.45 -1.14 7.48
C PRO A 14 14.04 -0.59 7.67
N VAL A 15 13.58 -0.59 8.92
CA VAL A 15 12.30 0.01 9.26
C VAL A 15 12.45 0.93 10.45
N SER A 16 11.55 1.89 10.54
CA SER A 16 11.56 2.82 11.63
C SER A 16 11.12 2.17 12.96
N GLY A 17 10.20 1.22 12.89
CA GLY A 17 9.75 0.52 14.07
C GLY A 17 8.41 0.99 14.60
N ASN A 18 7.80 1.99 13.94
CA ASN A 18 6.50 2.51 14.38
C ASN A 18 5.35 1.83 13.66
N LEU A 19 5.65 1.28 12.50
CA LEU A 19 4.68 0.54 11.70
C LEU A 19 5.20 -0.82 11.29
N LYS A 20 4.27 -1.76 11.24
CA LYS A 20 4.51 -3.02 10.59
C LYS A 20 3.55 -3.02 9.42
N VAL A 21 4.05 -3.30 8.23
CA VAL A 21 3.19 -3.33 7.04
C VAL A 21 3.17 -4.73 6.48
N GLU A 22 1.98 -5.30 6.45
CA GLU A 22 1.77 -6.59 5.82
C GLU A 22 0.89 -6.36 4.61
N PHE A 23 0.95 -7.29 3.67
CA PHE A 23 0.46 -7.04 2.34
C PHE A 23 0.29 -8.31 1.56
N TYR A 24 -0.70 -8.33 0.69
CA TYR A 24 -0.70 -9.28 -0.43
C TYR A 24 -1.65 -8.84 -1.55
N ASN A 25 -1.38 -9.33 -2.74
CA ASN A 25 -2.29 -9.23 -3.89
C ASN A 25 -3.20 -10.45 -3.91
N SER A 26 -4.52 -10.25 -4.02
CA SER A 26 -5.43 -11.38 -3.93
C SER A 26 -5.71 -12.03 -5.30
N ASN A 27 -5.28 -11.37 -6.36
CA ASN A 27 -5.46 -11.85 -7.73
C ASN A 27 -4.09 -12.22 -8.29
N PRO A 28 -3.80 -13.53 -8.49
CA PRO A 28 -2.43 -13.92 -8.86
C PRO A 28 -2.13 -13.93 -10.37
N SER A 29 -3.12 -13.77 -11.25
CA SER A 29 -2.87 -13.98 -12.68
C SER A 29 -1.92 -12.95 -13.25
N ASP A 30 -1.05 -13.43 -14.12
CA ASP A 30 -0.02 -12.54 -14.67
C ASP A 30 -0.69 -11.52 -15.56
N THR A 31 -1.60 -11.99 -16.41
CA THR A 31 -2.38 -11.11 -17.29
C THR A 31 -3.74 -10.88 -16.71
N THR A 32 -4.07 -9.64 -16.39
CA THR A 32 -5.30 -9.36 -15.68
C THR A 32 -5.68 -7.90 -15.88
N ASN A 33 -6.96 -7.61 -15.76
CA ASN A 33 -7.38 -6.22 -15.92
C ASN A 33 -7.86 -5.55 -14.63
N SER A 34 -7.60 -6.17 -13.46
CA SER A 34 -7.65 -5.45 -12.19
C SER A 34 -6.53 -5.96 -11.31
N ILE A 35 -5.92 -5.03 -10.59
CA ILE A 35 -4.89 -5.36 -9.62
C ILE A 35 -5.53 -5.15 -8.24
N ASN A 36 -5.26 -6.07 -7.32
CA ASN A 36 -6.00 -6.10 -6.05
C ASN A 36 -5.11 -6.09 -4.84
N PRO A 37 -4.55 -4.91 -4.52
CA PRO A 37 -3.61 -4.82 -3.39
C PRO A 37 -4.36 -4.76 -2.06
N GLN A 38 -3.92 -5.54 -1.08
CA GLN A 38 -4.53 -5.58 0.24
C GLN A 38 -3.50 -5.20 1.28
N PHE A 39 -3.78 -4.23 2.14
CA PHE A 39 -2.77 -3.76 3.13
C PHE A 39 -3.30 -4.00 4.52
N LYS A 40 -2.39 -4.32 5.46
CA LYS A 40 -2.71 -4.40 6.87
C LYS A 40 -1.55 -3.75 7.62
N VAL A 41 -1.80 -2.59 8.20
CA VAL A 41 -0.75 -1.76 8.81
C VAL A 41 -1.01 -1.73 10.30
N THR A 42 -0.02 -2.17 11.08
CA THR A 42 -0.13 -2.24 12.53
C THR A 42 0.75 -1.16 13.15
N ASN A 43 0.20 -0.50 14.15
CA ASN A 43 0.94 0.47 14.92
C ASN A 43 1.77 -0.28 15.97
N THR A 44 3.08 -0.37 15.74
CA THR A 44 3.97 -1.11 16.63
C THR A 44 4.67 -0.22 17.63
N GLY A 45 4.32 1.06 17.64
CA GLY A 45 4.80 1.98 18.67
C GLY A 45 3.83 2.05 19.84
N SER A 46 4.11 2.93 20.79
CA SER A 46 3.28 3.05 22.00
C SER A 46 2.57 4.39 22.07
N SER A 47 2.64 5.12 20.97
CA SER A 47 1.92 6.35 20.80
C SER A 47 1.01 6.20 19.58
N ALA A 48 -0.12 6.90 19.61
CA ALA A 48 -1.11 6.79 18.57
C ALA A 48 -0.64 7.48 17.30
N ILE A 49 -1.22 7.04 16.19
CA ILE A 49 -0.94 7.63 14.90
C ILE A 49 -2.23 8.23 14.30
N ASP A 50 -2.11 9.44 13.80
CA ASP A 50 -3.19 10.11 13.08
C ASP A 50 -3.16 9.60 11.65
N LEU A 51 -4.20 8.87 11.25
CA LEU A 51 -4.17 8.23 9.92
C LEU A 51 -4.13 9.23 8.77
N SER A 52 -4.53 10.46 9.01
CA SER A 52 -4.52 11.43 7.92
C SER A 52 -3.09 11.79 7.55
N LYS A 53 -2.11 11.36 8.35
CA LYS A 53 -0.70 11.58 8.05
C LYS A 53 0.00 10.36 7.42
N LEU A 54 -0.73 9.25 7.30
CA LEU A 54 -0.19 8.04 6.72
C LEU A 54 -0.47 7.97 5.22
N THR A 55 0.55 7.58 4.45
CA THR A 55 0.34 7.23 3.03
C THR A 55 1.05 5.92 2.75
N LEU A 56 0.54 5.22 1.76
CA LEU A 56 1.04 3.92 1.35
C LEU A 56 1.19 3.96 -0.16
N ARG A 57 2.20 3.31 -0.70
CA ARG A 57 2.46 3.31 -2.14
C ARG A 57 2.63 1.89 -2.65
N TYR A 58 1.95 1.61 -3.75
CA TYR A 58 2.08 0.36 -4.48
C TYR A 58 2.66 0.72 -5.86
N TYR A 59 3.87 0.20 -6.13
CA TYR A 59 4.66 0.56 -7.33
C TYR A 59 4.46 -0.52 -8.40
N TYR A 60 4.25 -0.09 -9.64
CA TYR A 60 3.98 -1.04 -10.73
C TYR A 60 4.29 -0.40 -12.06
N THR A 61 4.22 -1.19 -13.13
CA THR A 61 4.29 -0.66 -14.50
C THR A 61 2.91 -0.70 -15.15
N VAL A 62 2.47 0.43 -15.68
CA VAL A 62 1.09 0.57 -16.14
C VAL A 62 0.84 -0.24 -17.44
N ASP A 63 1.89 -0.52 -18.20
CA ASP A 63 1.78 -1.38 -19.39
C ASP A 63 0.83 -0.79 -20.42
N GLY A 64 1.17 0.40 -20.91
CA GLY A 64 0.35 1.07 -21.91
C GLY A 64 -0.41 2.13 -21.14
N GLN A 65 0.05 3.36 -21.22
CA GLN A 65 -0.48 4.41 -20.36
C GLN A 65 -1.94 4.66 -20.74
N LYS A 66 -2.84 4.50 -19.76
CA LYS A 66 -4.25 4.88 -19.89
C LYS A 66 -4.68 5.43 -18.54
N ASP A 67 -5.75 6.22 -18.48
CA ASP A 67 -6.21 6.69 -17.18
C ASP A 67 -6.72 5.50 -16.39
N GLN A 68 -6.67 5.64 -15.07
CA GLN A 68 -7.01 4.52 -14.18
C GLN A 68 -7.95 4.97 -13.07
N THR A 69 -8.59 3.98 -12.45
CA THR A 69 -9.45 4.20 -11.30
C THR A 69 -9.07 3.29 -10.13
N PHE A 70 -9.15 3.83 -8.92
CA PHE A 70 -8.94 3.08 -7.68
C PHE A 70 -10.24 3.04 -6.93
N TRP A 71 -10.59 1.84 -6.43
CA TRP A 71 -11.68 1.70 -5.48
C TRP A 71 -11.15 1.13 -4.15
N CYS A 72 -11.52 1.74 -3.04
CA CYS A 72 -11.37 1.06 -1.76
C CYS A 72 -12.65 0.28 -1.52
N ASP A 73 -12.59 -1.03 -1.68
CA ASP A 73 -13.75 -1.88 -1.43
C ASP A 73 -14.13 -1.94 0.04
N HIS A 74 -13.13 -1.90 0.90
CA HIS A 74 -13.40 -1.94 2.33
C HIS A 74 -12.16 -1.51 3.06
N ALA A 75 -12.37 -0.78 4.14
CA ALA A 75 -11.27 -0.49 5.06
C ALA A 75 -11.82 -0.37 6.44
N ALA A 76 -11.05 -0.84 7.42
CA ALA A 76 -11.48 -0.70 8.82
C ALA A 76 -10.27 -0.59 9.72
N ILE A 77 -10.48 0.08 10.86
CA ILE A 77 -9.47 0.14 11.93
C ILE A 77 -9.92 -0.82 12.99
N ILE A 78 -9.02 -1.70 13.40
CA ILE A 78 -9.32 -2.76 14.34
C ILE A 78 -8.39 -2.58 15.54
N GLY A 79 -8.96 -2.44 16.74
CA GLY A 79 -8.19 -2.20 17.97
C GLY A 79 -7.50 -3.45 18.47
N SER A 80 -6.49 -3.27 19.33
CA SER A 80 -5.71 -4.40 19.84
C SER A 80 -6.62 -5.43 20.53
N ASN A 81 -7.73 -4.95 21.06
CA ASN A 81 -8.65 -5.81 21.79
C ASN A 81 -9.86 -6.27 20.97
N GLY A 82 -10.14 -5.60 19.85
CA GLY A 82 -11.15 -6.07 18.91
C GLY A 82 -12.20 -5.06 18.46
N SER A 83 -12.14 -3.83 18.98
CA SER A 83 -13.04 -2.74 18.54
C SER A 83 -13.00 -2.63 17.02
N TYR A 84 -14.09 -2.15 16.42
CA TYR A 84 -14.21 -2.14 14.96
C TYR A 84 -14.77 -0.83 14.46
N ASN A 85 -14.00 -0.15 13.61
CA ASN A 85 -14.39 1.12 13.03
C ASN A 85 -14.23 1.09 11.50
N GLY A 86 -15.35 1.09 10.78
CA GLY A 86 -15.34 1.11 9.34
C GLY A 86 -14.91 2.48 8.84
N ILE A 87 -13.96 2.51 7.93
CA ILE A 87 -13.50 3.78 7.40
C ILE A 87 -13.37 3.76 5.91
N THR A 88 -14.10 2.87 5.26
CA THR A 88 -14.01 2.74 3.81
C THR A 88 -14.08 4.08 3.07
N SER A 89 -14.98 4.97 3.47
CA SER A 89 -15.18 6.24 2.75
C SER A 89 -14.09 7.30 3.05
N ASN A 90 -13.22 7.00 4.00
CA ASN A 90 -12.10 7.89 4.36
C ASN A 90 -10.84 7.58 3.53
N VAL A 91 -10.87 6.52 2.74
CA VAL A 91 -9.70 6.11 1.96
C VAL A 91 -9.70 6.68 0.54
N LYS A 92 -8.58 7.28 0.16
CA LYS A 92 -8.44 7.89 -1.16
C LYS A 92 -7.20 7.34 -1.84
N GLY A 93 -7.30 7.23 -3.15
CA GLY A 93 -6.20 6.76 -3.97
C GLY A 93 -5.85 7.83 -4.98
N THR A 94 -4.56 7.94 -5.28
CA THR A 94 -4.09 8.84 -6.33
C THR A 94 -2.99 8.13 -7.13
N PHE A 95 -3.09 8.17 -8.44
CA PHE A 95 -2.11 7.56 -9.34
C PHE A 95 -1.06 8.60 -9.71
N VAL A 96 0.21 8.24 -9.61
CA VAL A 96 1.30 9.19 -9.84
C VAL A 96 2.27 8.58 -10.83
N LYS A 97 2.52 9.27 -11.93
CA LYS A 97 3.56 8.83 -12.87
C LYS A 97 4.90 9.26 -12.31
N MET A 98 5.85 8.33 -12.21
CA MET A 98 7.08 8.60 -11.49
C MET A 98 7.94 9.54 -12.34
N SER A 99 8.64 10.47 -11.69
CA SER A 99 9.53 11.38 -12.41
C SER A 99 10.74 10.60 -12.88
N SER A 100 11.11 9.56 -12.14
CA SER A 100 12.23 8.68 -12.52
C SER A 100 11.80 7.24 -12.36
N SER A 101 11.33 6.64 -13.44
CA SER A 101 10.94 5.23 -13.40
C SER A 101 12.15 4.31 -13.15
N THR A 102 11.87 3.06 -12.77
CA THR A 102 12.86 1.98 -12.72
C THR A 102 12.29 0.87 -13.59
N ASN A 103 12.97 -0.27 -13.70
CA ASN A 103 12.51 -1.31 -14.64
C ASN A 103 11.12 -1.85 -14.37
N ASN A 104 10.81 -2.02 -13.08
CA ASN A 104 9.50 -2.54 -12.66
C ASN A 104 8.59 -1.52 -11.97
N ALA A 105 8.87 -0.24 -12.17
CA ALA A 105 7.98 0.79 -11.63
C ALA A 105 8.04 2.03 -12.50
N ASP A 106 6.91 2.42 -13.09
CA ASP A 106 6.81 3.73 -13.72
C ASP A 106 5.68 4.54 -13.08
N THR A 107 4.93 3.91 -12.18
CA THR A 107 3.72 4.51 -11.61
C THR A 107 3.58 4.04 -10.21
N TYR A 108 2.99 4.84 -9.34
CA TYR A 108 2.51 4.29 -8.09
C TYR A 108 1.09 4.71 -7.77
N LEU A 109 0.40 3.82 -7.06
CA LEU A 109 -0.89 4.11 -6.46
C LEU A 109 -0.52 4.59 -5.08
N GLU A 110 -0.95 5.79 -4.73
CA GLU A 110 -0.71 6.27 -3.39
C GLU A 110 -2.01 6.34 -2.61
N ILE A 111 -2.03 5.65 -1.48
CA ILE A 111 -3.24 5.60 -0.63
C ILE A 111 -3.10 6.58 0.52
N SER A 112 -4.15 7.35 0.74
CA SER A 112 -4.17 8.32 1.84
C SER A 112 -5.51 8.20 2.54
N PHE A 113 -5.60 8.88 3.68
CA PHE A 113 -6.77 8.83 4.56
C PHE A 113 -7.17 10.23 5.00
N THR A 114 -8.46 10.47 5.08
CA THR A 114 -8.98 11.76 5.47
C THR A 114 -9.11 11.89 6.97
N GLY A 115 -9.01 10.78 7.70
CA GLY A 115 -9.13 10.85 9.14
C GLY A 115 -9.02 9.48 9.76
N GLY A 116 -9.17 9.42 11.08
CA GLY A 116 -9.12 8.18 11.83
C GLY A 116 -7.87 8.13 12.70
N THR A 117 -7.90 7.32 13.75
CA THR A 117 -6.77 7.26 14.67
C THR A 117 -6.34 5.81 14.85
N LEU A 118 -5.05 5.54 14.69
CA LEU A 118 -4.53 4.21 14.90
C LEU A 118 -3.82 4.13 16.26
N GLU A 119 -4.47 3.52 17.24
CA GLU A 119 -3.90 3.41 18.56
C GLU A 119 -2.78 2.37 18.56
N PRO A 120 -1.94 2.39 19.59
CA PRO A 120 -0.88 1.40 19.71
C PRO A 120 -1.47 0.00 19.64
N GLY A 121 -0.89 -0.87 18.85
CA GLY A 121 -1.39 -2.22 18.71
C GLY A 121 -2.59 -2.39 17.80
N ALA A 122 -3.21 -1.29 17.40
CA ALA A 122 -4.35 -1.39 16.47
C ALA A 122 -3.81 -1.63 15.08
N HIS A 123 -4.69 -2.06 14.17
CA HIS A 123 -4.31 -2.17 12.78
C HIS A 123 -5.39 -1.69 11.88
N VAL A 124 -4.97 -1.19 10.72
CA VAL A 124 -5.92 -0.74 9.72
C VAL A 124 -5.72 -1.64 8.52
N GLN A 125 -6.84 -2.18 8.06
CA GLN A 125 -6.87 -3.04 6.90
C GLN A 125 -7.48 -2.26 5.75
N ILE A 126 -6.85 -2.32 4.59
CA ILE A 126 -7.35 -1.64 3.39
C ILE A 126 -7.36 -2.62 2.24
N GLN A 127 -8.56 -2.88 1.74
CA GLN A 127 -8.75 -3.78 0.63
C GLN A 127 -9.03 -2.96 -0.62
N GLY A 128 -8.11 -3.00 -1.57
CA GLY A 128 -8.17 -2.12 -2.72
C GLY A 128 -8.22 -2.86 -4.04
N ARG A 129 -8.50 -2.08 -5.08
CA ARG A 129 -8.73 -2.58 -6.42
C ARG A 129 -8.47 -1.41 -7.36
N PHE A 130 -7.77 -1.66 -8.46
CA PHE A 130 -7.67 -0.62 -9.49
C PHE A 130 -7.59 -1.23 -10.88
N ALA A 131 -8.01 -0.44 -11.86
CA ALA A 131 -8.13 -0.87 -13.26
C ALA A 131 -7.84 0.30 -14.16
N LYS A 132 -7.48 0.01 -15.41
CA LYS A 132 -7.50 1.01 -16.45
C LYS A 132 -8.94 1.23 -16.88
N ASN A 133 -9.29 2.46 -17.23
CA ASN A 133 -10.70 2.83 -17.41
C ASN A 133 -11.41 2.08 -18.56
N ASP A 134 -10.62 1.56 -19.51
CA ASP A 134 -11.14 0.74 -20.60
C ASP A 134 -11.00 -0.77 -20.34
N TRP A 135 -10.65 -1.13 -19.10
CA TRP A 135 -10.60 -2.53 -18.66
C TRP A 135 -9.64 -3.40 -19.46
N SER A 136 -8.62 -2.77 -20.04
CA SER A 136 -7.60 -3.48 -20.76
C SER A 136 -6.61 -4.10 -19.77
N ASN A 137 -5.81 -5.04 -20.24
CA ASN A 137 -4.97 -5.84 -19.36
C ASN A 137 -3.68 -5.18 -18.87
N TYR A 138 -3.34 -5.56 -17.65
CA TYR A 138 -2.06 -5.30 -17.05
C TYR A 138 -1.26 -6.60 -17.13
N THR A 139 0.04 -6.49 -16.93
CA THR A 139 0.90 -7.63 -16.68
C THR A 139 1.47 -7.43 -15.30
N GLN A 140 1.27 -8.39 -14.39
CA GLN A 140 1.69 -8.23 -13.01
C GLN A 140 3.15 -8.66 -12.72
N SER A 141 3.74 -9.48 -13.58
CA SER A 141 5.12 -9.95 -13.41
C SER A 141 6.23 -8.86 -13.54
N ASN A 142 5.92 -7.70 -14.09
CA ASN A 142 6.88 -6.59 -14.10
C ASN A 142 6.44 -5.45 -13.17
N ASP A 143 5.85 -5.81 -12.04
CA ASP A 143 5.39 -4.85 -11.05
C ASP A 143 6.15 -5.02 -9.73
N TYR A 144 6.88 -3.96 -9.38
CA TYR A 144 7.78 -3.98 -8.22
C TYR A 144 7.06 -4.49 -6.96
N SER A 145 5.88 -3.95 -6.66
CA SER A 145 5.24 -4.20 -5.37
C SER A 145 4.43 -5.49 -5.35
N PHE A 146 4.20 -6.12 -6.50
CA PHE A 146 3.35 -7.32 -6.56
C PHE A 146 3.84 -8.41 -5.60
N LYS A 147 2.93 -9.01 -4.84
CA LYS A 147 3.27 -10.13 -3.94
C LYS A 147 2.08 -11.03 -3.75
N SER A 148 2.10 -12.18 -4.42
CA SER A 148 1.07 -13.20 -4.28
C SER A 148 1.25 -13.97 -2.96
N ALA A 149 0.17 -14.14 -2.20
CA ALA A 149 0.19 -14.92 -0.95
C ALA A 149 -1.23 -15.30 -0.62
N SER A 150 -1.38 -16.15 0.38
N SER A 150 -1.41 -16.13 0.40
CA SER A 150 -2.68 -16.65 0.81
CA SER A 150 -2.76 -16.52 0.79
C SER A 150 -3.25 -15.82 1.98
C SER A 150 -3.29 -15.64 1.94
N GLN A 151 -2.48 -14.86 2.45
N GLN A 151 -2.38 -15.04 2.70
CA GLN A 151 -2.90 -13.94 3.51
CA GLN A 151 -2.74 -14.08 3.75
C GLN A 151 -1.85 -12.83 3.59
C GLN A 151 -1.78 -12.92 3.70
N PHE A 152 -2.05 -11.88 4.49
CA PHE A 152 -1.13 -10.74 4.60
C PHE A 152 0.20 -11.29 5.05
N VAL A 153 1.28 -10.85 4.42
CA VAL A 153 2.62 -11.19 4.89
C VAL A 153 3.47 -9.93 4.96
N GLU A 154 4.53 -9.94 5.76
CA GLU A 154 5.41 -8.77 5.79
C GLU A 154 6.01 -8.59 4.43
N TRP A 155 6.08 -7.36 3.94
CA TRP A 155 6.52 -7.13 2.57
C TRP A 155 7.14 -5.76 2.45
N ASP A 156 8.43 -5.74 2.12
CA ASP A 156 9.22 -4.51 2.07
C ASP A 156 9.27 -3.86 0.69
N GLN A 157 8.43 -4.30 -0.24
CA GLN A 157 8.39 -3.65 -1.55
C GLN A 157 7.12 -2.82 -1.77
N VAL A 158 6.36 -2.60 -0.71
CA VAL A 158 5.43 -1.49 -0.66
C VAL A 158 6.02 -0.57 0.41
N THR A 159 5.67 0.70 0.35
CA THR A 159 6.28 1.67 1.25
C THR A 159 5.18 2.41 2.03
N ALA A 160 5.52 2.85 3.23
CA ALA A 160 4.59 3.63 4.04
C ALA A 160 5.34 4.84 4.56
N TYR A 161 4.61 5.94 4.70
CA TYR A 161 5.15 7.25 5.05
C TYR A 161 4.28 7.86 6.12
N LEU A 162 4.92 8.50 7.09
CA LEU A 162 4.17 9.33 8.05
C LEU A 162 4.59 10.76 7.82
N ASN A 163 3.61 11.57 7.45
CA ASN A 163 3.85 12.96 7.09
C ASN A 163 4.95 13.07 6.04
N GLY A 164 4.96 12.14 5.08
CA GLY A 164 5.94 12.16 4.00
C GLY A 164 7.30 11.49 4.28
N VAL A 165 7.54 11.14 5.54
CA VAL A 165 8.79 10.49 5.92
C VAL A 165 8.65 8.98 5.75
N LEU A 166 9.52 8.37 4.98
CA LEU A 166 9.51 6.93 4.78
C LEU A 166 9.82 6.16 6.08
N VAL A 167 8.89 5.32 6.54
CA VAL A 167 9.13 4.54 7.78
C VAL A 167 9.13 3.02 7.58
N TRP A 168 8.80 2.58 6.37
CA TRP A 168 8.70 1.15 6.05
C TRP A 168 8.91 0.95 4.55
N GLY A 169 9.73 -0.02 4.22
CA GLY A 169 9.88 -0.49 2.86
C GLY A 169 11.00 0.21 2.12
N LYS A 170 11.24 -0.27 0.91
CA LYS A 170 12.30 0.26 0.06
C LYS A 170 11.67 0.70 -1.26
N GLU A 171 11.83 1.98 -1.61
CA GLU A 171 11.34 2.49 -2.89
C GLU A 171 12.13 1.83 -4.04
N PRO A 172 11.52 1.67 -5.22
CA PRO A 172 12.24 1.00 -6.32
C PRO A 172 13.53 1.72 -6.66
N GLY A 173 13.51 3.05 -6.52
CA GLY A 173 14.70 3.85 -6.80
C GLY A 173 15.80 3.74 -5.73
N GLY A 174 15.52 3.00 -4.65
CA GLY A 174 16.53 2.65 -3.68
C GLY A 174 16.42 3.29 -2.31
N SER A 175 15.62 4.36 -2.20
CA SER A 175 15.46 5.09 -0.94
C SER A 175 14.99 4.17 0.18
N VAL A 176 15.63 4.30 1.33
CA VAL A 176 15.20 3.61 2.55
C VAL A 176 14.98 4.62 3.69
N VAL A 177 14.53 4.12 4.83
CA VAL A 177 14.26 4.98 6.00
C VAL A 177 15.45 5.96 6.24
N PRO A 178 15.16 7.28 6.43
CA PRO A 178 16.26 8.24 6.72
C PRO A 178 17.21 7.76 7.82
N SER A 179 18.51 8.04 7.62
CA SER A 179 19.61 7.68 8.54
C SER A 179 20.04 6.21 8.42
N THR A 180 19.31 5.40 7.67
CA THR A 180 19.66 3.97 7.57
C THR A 180 20.33 3.56 6.24
N GLN A 181 20.88 2.35 6.24
CA GLN A 181 21.30 1.68 5.00
C GLN A 181 20.96 0.19 5.07
CA CA B . 2.82 -4.08 -15.21
C1 GOL C . -18.26 3.04 6.06
O1 GOL C . -17.59 4.06 5.31
C2 GOL C . -17.71 1.65 5.72
O2 GOL C . -16.59 1.37 6.50
C3 GOL C . -18.66 0.46 5.92
O3 GOL C . -17.90 -0.75 5.80
H11 GOL C . -19.32 3.07 5.85
H12 GOL C . -18.12 3.23 7.13
HO1 GOL C . -18.01 4.93 5.49
H2 GOL C . -17.41 1.65 4.67
HO2 GOL C . -16.86 1.28 7.43
H31 GOL C . -19.45 0.48 5.18
H32 GOL C . -19.10 0.52 6.92
HO3 GOL C . -18.49 -1.51 6.01
S SO4 D . -9.55 -1.57 21.68
O1 SO4 D . -8.12 -1.89 21.75
O2 SO4 D . -9.76 -0.42 20.76
O3 SO4 D . -10.26 -2.75 21.21
O4 SO4 D . -10.03 -1.19 23.00
S SO4 E . -5.56 -5.95 -23.94
O1 SO4 E . -4.96 -7.28 -24.10
O2 SO4 E . -4.49 -4.97 -23.78
O3 SO4 E . -6.36 -5.62 -25.11
O4 SO4 E . -6.42 -5.93 -22.76
CL CL F . 8.21 11.38 -3.73
CL CL G . 9.86 -8.77 2.59
CL CL H . 3.87 2.34 -21.21
N1 1MZ I . -9.03 -11.28 -16.59
C2 1MZ I . -8.63 -10.42 -17.62
N3 1MZ I . -8.39 -11.20 -18.76
C4 1MZ I . -8.66 -12.57 -18.42
C5 1MZ I . -9.03 -12.62 -17.10
CM1 1MZ I . -9.36 -10.89 -15.25
H2 1MZ I . -8.53 -9.46 -17.55
HN3 1MZ I . -8.12 -10.89 -19.57
H4 1MZ I . -8.58 -13.33 -19.03
H5 1MZ I . -9.28 -13.43 -16.60
HM11 1MZ I . -9.59 -9.95 -15.24
HM12 1MZ I . -10.13 -11.42 -14.95
HM13 1MZ I . -8.60 -11.08 -14.66
#